data_6A06
#
_entry.id   6A06
#
_cell.length_a   49.628
_cell.length_b   63.311
_cell.length_c   101.036
_cell.angle_alpha   90.00
_cell.angle_beta   90.00
_cell.angle_gamma   90.00
#
_symmetry.space_group_name_H-M   'P 21 21 21'
#
loop_
_entity.id
_entity.type
_entity.pdbx_description
1 polymer 'Stimulator of interferon genes protein'
2 non-polymer 'SULFATE ION'
3 non-polymer cGAMP
4 water water
#
_entity_poly.entity_id   1
_entity_poly.type   'polypeptide(L)'
_entity_poly.pdbx_seq_one_letter_code
;AANFNVAHGLAWSYYIGYLRLILPGLRARIQAYNQRHKNVLGGIGNHRLHILFPLDCGVPDDLSVADPNIRFLHELPQQS
ADRAGIKGRVYTNSIYELLENGQPAGVCVLEYATPLQTLFAMSQDGRAGFSREDRLEQAKLFCRTLEDILADAPEAQNNC
RLIVYQEPTEGGSFSLSQEILRHLRQEEREVTMLEHHHHHH
;
_entity_poly.pdbx_strand_id   A,B
#
loop_
_chem_comp.id
_chem_comp.type
_chem_comp.name
_chem_comp.formula
1SY non-polymer cGAMP 'C20 H24 N10 O13 P2'
SO4 non-polymer 'SULFATE ION' 'O4 S -2'
#
# COMPACT_ATOMS: atom_id res chain seq x y z
N ALA A 2 4.93 -12.48 -16.65
CA ALA A 2 5.46 -12.38 -18.01
C ALA A 2 5.10 -11.04 -18.64
N ASN A 3 3.93 -10.52 -18.29
CA ASN A 3 3.51 -9.18 -18.71
C ASN A 3 3.91 -8.20 -17.63
N PHE A 4 5.02 -7.47 -17.87
CA PHE A 4 5.53 -6.53 -16.88
C PHE A 4 5.15 -5.08 -17.22
N ASN A 5 4.02 -4.86 -17.90
CA ASN A 5 3.50 -3.51 -18.06
C ASN A 5 2.66 -3.20 -16.82
N VAL A 6 3.34 -2.65 -15.81
CA VAL A 6 2.77 -2.40 -14.50
C VAL A 6 2.60 -0.92 -14.19
N ALA A 7 3.23 -0.02 -14.97
CA ALA A 7 3.28 1.38 -14.59
C ALA A 7 1.88 1.99 -14.44
N HIS A 8 0.95 1.65 -15.35
CA HIS A 8 -0.37 2.26 -15.27
C HIS A 8 -1.06 1.85 -13.97
N GLY A 9 -0.99 0.57 -13.62
CA GLY A 9 -1.60 0.12 -12.37
C GLY A 9 -0.93 0.71 -11.15
N LEU A 10 0.40 0.83 -11.18
CA LEU A 10 1.11 1.41 -10.06
C LEU A 10 0.69 2.85 -9.83
N ALA A 11 0.48 3.61 -10.92
CA ALA A 11 0.10 5.01 -10.77
C ALA A 11 -1.31 5.15 -10.19
N TRP A 12 -2.27 4.38 -10.72
CA TRP A 12 -3.62 4.48 -10.21
C TRP A 12 -3.71 3.98 -8.77
N SER A 13 -2.99 2.92 -8.45
CA SER A 13 -2.96 2.40 -7.08
C SER A 13 -2.35 3.41 -6.12
N TYR A 14 -1.26 4.05 -6.51
CA TYR A 14 -0.60 5.02 -5.63
C TYR A 14 -1.48 6.25 -5.43
N TYR A 15 -2.20 6.68 -6.47
CA TYR A 15 -3.12 7.80 -6.34
C TYR A 15 -4.30 7.45 -5.44
N ILE A 16 -5.02 6.37 -5.78
CA ILE A 16 -6.25 6.08 -5.05
C ILE A 16 -5.94 5.57 -3.65
N GLY A 17 -4.99 4.65 -3.53
CA GLY A 17 -4.73 3.94 -2.30
C GLY A 17 -3.76 4.60 -1.36
N TYR A 18 -3.16 5.73 -1.76
CA TYR A 18 -2.25 6.44 -0.88
C TYR A 18 -2.51 7.94 -0.92
N LEU A 19 -2.28 8.60 -2.06
CA LEU A 19 -2.38 10.07 -2.09
C LEU A 19 -3.78 10.54 -1.71
N ARG A 20 -4.81 9.91 -2.29
CA ARG A 20 -6.18 10.32 -1.96
C ARG A 20 -6.49 10.03 -0.49
N LEU A 21 -5.82 9.04 0.10
CA LEU A 21 -6.08 8.72 1.49
C LEU A 21 -5.32 9.62 2.45
N ILE A 22 -4.06 9.92 2.13
CA ILE A 22 -3.18 10.56 3.09
C ILE A 22 -3.21 12.09 2.98
N LEU A 23 -3.41 12.65 1.78
CA LEU A 23 -3.24 14.09 1.62
C LEU A 23 -4.32 14.94 2.30
N PRO A 24 -5.60 14.54 2.33
CA PRO A 24 -6.59 15.41 2.98
C PRO A 24 -6.36 15.64 4.45
N GLY A 25 -5.76 14.69 5.17
CA GLY A 25 -5.48 14.83 6.58
C GLY A 25 -4.11 15.34 6.93
N LEU A 26 -3.28 15.63 5.93
CA LEU A 26 -1.88 15.97 6.22
C LEU A 26 -1.77 17.28 6.96
N ARG A 27 -2.52 18.30 6.53
CA ARG A 27 -2.36 19.62 7.13
C ARG A 27 -2.70 19.60 8.62
N ALA A 28 -3.78 18.91 8.98
CA ALA A 28 -4.14 18.81 10.39
C ALA A 28 -3.07 18.08 11.18
N ARG A 29 -2.45 17.05 10.59
CA ARG A 29 -1.38 16.36 11.30
C ARG A 29 -0.15 17.26 11.46
N ILE A 30 0.14 18.08 10.45
CA ILE A 30 1.24 19.02 10.57
C ILE A 30 0.91 20.10 11.60
N GLN A 31 -0.33 20.59 11.59
CA GLN A 31 -0.75 21.56 12.59
C GLN A 31 -0.61 20.99 14.00
N ALA A 32 -0.97 19.72 14.18
CA ALA A 32 -0.82 19.07 15.48
C ALA A 32 0.64 18.97 15.87
N TYR A 33 1.50 18.60 14.91
CA TYR A 33 2.94 18.57 15.17
C TYR A 33 3.44 19.93 15.63
N ASN A 34 3.07 20.99 14.90
CA ASN A 34 3.57 22.32 15.25
C ASN A 34 3.07 22.75 16.63
N GLN A 35 1.79 22.51 16.92
CA GLN A 35 1.32 22.92 18.24
C GLN A 35 2.06 22.17 19.34
N ARG A 36 2.47 20.92 19.08
CA ARG A 36 3.18 20.17 20.12
C ARG A 36 4.66 20.52 20.19
N HIS A 37 5.27 20.99 19.10
CA HIS A 37 6.73 21.08 19.01
C HIS A 37 7.26 22.48 18.68
N LYS A 38 6.44 23.40 18.18
CA LYS A 38 6.98 24.66 17.66
C LYS A 38 7.78 25.43 18.71
N ASN A 39 7.43 25.28 20.00
CA ASN A 39 8.07 26.06 21.05
C ASN A 39 9.40 25.47 21.52
N VAL A 40 9.75 24.27 21.07
CA VAL A 40 11.04 23.69 21.44
C VAL A 40 11.76 23.25 20.17
N LEU A 41 11.27 22.19 19.53
CA LEU A 41 11.91 21.63 18.34
C LEU A 41 11.80 22.57 17.15
N GLY A 42 10.77 23.40 17.11
CA GLY A 42 10.51 24.25 15.97
C GLY A 42 9.32 23.75 15.16
N GLY A 43 8.79 24.64 14.31
CA GLY A 43 7.64 24.34 13.51
C GLY A 43 7.99 24.16 12.03
N ILE A 44 7.03 23.63 11.29
CA ILE A 44 7.15 23.41 9.86
C ILE A 44 6.25 24.42 9.16
N GLY A 45 6.84 25.31 8.37
CA GLY A 45 6.03 26.24 7.61
C GLY A 45 5.48 25.67 6.32
N ASN A 46 6.16 24.71 5.72
CA ASN A 46 5.72 24.10 4.46
C ASN A 46 4.81 22.91 4.77
N HIS A 47 3.57 22.98 4.31
CA HIS A 47 2.54 22.01 4.65
C HIS A 47 2.30 20.96 3.56
N ARG A 48 3.12 20.93 2.52
CA ARG A 48 2.91 19.98 1.43
C ARG A 48 3.76 18.72 1.61
N LEU A 49 3.24 17.60 1.13
CA LEU A 49 4.01 16.37 1.07
C LEU A 49 4.95 16.44 -0.13
N HIS A 50 6.24 16.26 0.10
CA HIS A 50 7.23 16.28 -0.97
C HIS A 50 7.64 14.87 -1.28
N ILE A 51 7.38 14.44 -2.52
CA ILE A 51 7.55 13.05 -2.92
C ILE A 51 8.66 12.96 -3.95
N LEU A 52 9.66 12.14 -3.65
CA LEU A 52 10.86 12.01 -4.47
C LEU A 52 10.65 10.91 -5.52
N PHE A 53 10.99 11.22 -6.77
CA PHE A 53 10.85 10.30 -7.90
C PHE A 53 12.20 10.14 -8.59
N PRO A 54 13.11 9.37 -8.02
CA PRO A 54 14.36 9.08 -8.75
C PRO A 54 14.07 8.19 -9.95
N LEU A 55 14.38 8.68 -11.15
CA LEU A 55 14.03 7.95 -12.36
C LEU A 55 14.99 6.80 -12.67
N ASP A 56 16.27 6.91 -12.30
CA ASP A 56 17.25 5.97 -12.84
C ASP A 56 18.13 5.35 -11.76
N CYS A 57 17.68 5.31 -10.51
CA CYS A 57 18.43 4.66 -9.45
C CYS A 57 17.44 4.09 -8.45
N GLY A 58 17.75 2.90 -7.93
CA GLY A 58 16.88 2.29 -6.94
C GLY A 58 16.63 3.21 -5.77
N VAL A 59 15.43 3.11 -5.21
CA VAL A 59 14.98 3.94 -4.09
C VAL A 59 15.79 3.59 -2.84
N PRO A 60 16.63 4.48 -2.33
CA PRO A 60 17.31 4.22 -1.06
C PRO A 60 16.30 3.90 0.03
N ASP A 61 16.62 2.88 0.82
CA ASP A 61 15.78 2.49 1.94
C ASP A 61 15.73 3.54 3.04
N ASP A 62 16.53 4.60 2.92
CA ASP A 62 16.64 5.60 3.97
C ASP A 62 17.27 6.86 3.41
N LEU A 63 16.69 8.02 3.73
CA LEU A 63 17.11 9.26 3.09
C LEU A 63 18.47 9.75 3.58
N SER A 64 18.77 9.60 4.87
CA SER A 64 20.07 10.06 5.34
C SER A 64 21.19 9.22 4.74
N VAL A 65 20.91 7.94 4.45
CA VAL A 65 21.86 7.12 3.70
C VAL A 65 22.04 7.68 2.29
N ALA A 66 20.94 8.12 1.67
CA ALA A 66 21.00 8.63 0.30
C ALA A 66 21.86 9.88 0.21
N ASP A 67 21.75 10.76 1.19
CA ASP A 67 22.49 12.00 1.13
C ASP A 67 22.86 12.40 2.55
N PRO A 68 24.16 12.46 2.88
CA PRO A 68 24.55 12.90 4.22
C PRO A 68 24.06 14.29 4.58
N ASN A 69 23.61 15.08 3.60
CA ASN A 69 23.04 16.39 3.91
C ASN A 69 21.53 16.35 4.12
N ILE A 70 20.97 15.16 4.33
CA ILE A 70 19.56 15.01 4.68
C ILE A 70 19.51 14.35 6.05
N ARG A 71 18.85 14.98 7.02
CA ARG A 71 18.85 14.54 8.40
C ARG A 71 17.41 14.39 8.87
N PHE A 72 17.09 13.23 9.44
CA PHE A 72 15.77 13.03 10.01
C PHE A 72 15.52 14.00 11.16
N LEU A 73 14.35 14.65 11.16
CA LEU A 73 13.97 15.55 12.24
C LEU A 73 12.97 14.93 13.20
N HIS A 74 11.78 14.55 12.72
CA HIS A 74 10.76 13.98 13.59
C HIS A 74 9.67 13.33 12.74
N GLU A 75 8.98 12.34 13.31
CA GLU A 75 7.80 11.84 12.62
C GLU A 75 6.61 12.74 12.91
N LEU A 76 5.68 12.78 11.97
CA LEU A 76 4.40 13.39 12.22
C LEU A 76 3.57 12.46 13.08
N PRO A 77 2.53 12.96 13.73
CA PRO A 77 1.55 12.07 14.34
C PRO A 77 1.07 11.08 13.29
N GLN A 78 0.98 9.81 13.68
CA GLN A 78 0.58 8.79 12.71
C GLN A 78 -0.85 9.01 12.25
N GLN A 79 -1.11 8.59 11.02
CA GLN A 79 -2.47 8.46 10.53
C GLN A 79 -2.87 7.00 10.66
N SER A 80 -3.95 6.74 11.38
CA SER A 80 -4.45 5.38 11.61
C SER A 80 -5.86 5.27 11.06
N ALA A 81 -6.16 4.16 10.40
CA ALA A 81 -7.47 4.02 9.79
C ALA A 81 -7.77 2.55 9.58
N ASP A 82 -9.03 2.18 9.81
CA ASP A 82 -9.50 0.83 9.47
C ASP A 82 -9.54 0.72 7.95
N ARG A 83 -8.94 -0.35 7.41
CA ARG A 83 -8.71 -0.43 5.96
C ARG A 83 -8.81 -1.88 5.48
N ALA A 84 -9.87 -2.18 4.72
CA ALA A 84 -9.97 -3.46 3.99
C ALA A 84 -9.75 -4.65 4.92
N GLY A 85 -10.28 -4.54 6.14
CA GLY A 85 -10.22 -5.60 7.12
C GLY A 85 -9.15 -5.47 8.16
N ILE A 86 -8.19 -4.56 7.95
CA ILE A 86 -7.15 -4.25 8.92
C ILE A 86 -7.67 -3.19 9.87
N LYS A 87 -7.60 -3.45 11.17
CA LYS A 87 -7.94 -2.45 12.18
C LYS A 87 -6.76 -1.52 12.41
N GLY A 88 -7.00 -0.22 12.30
CA GLY A 88 -5.96 0.78 12.53
C GLY A 88 -4.71 0.54 11.73
N ARG A 89 -4.86 0.36 10.42
CA ARG A 89 -3.69 0.36 9.55
C ARG A 89 -3.00 1.72 9.69
N VAL A 90 -1.68 1.70 9.77
CA VAL A 90 -0.90 2.89 10.10
C VAL A 90 -0.22 3.42 8.85
N TYR A 91 -0.35 4.73 8.63
CA TYR A 91 0.40 5.45 7.61
C TYR A 91 1.27 6.47 8.31
N THR A 92 2.57 6.42 8.06
CA THR A 92 3.50 7.33 8.75
C THR A 92 4.20 8.26 7.77
N ASN A 93 4.50 9.47 8.23
CA ASN A 93 5.22 10.42 7.39
C ASN A 93 6.21 11.14 8.29
N SER A 94 7.31 11.62 7.69
CA SER A 94 8.42 12.15 8.46
C SER A 94 8.89 13.48 7.91
N ILE A 95 9.40 14.30 8.80
CA ILE A 95 10.00 15.60 8.50
C ILE A 95 11.50 15.41 8.46
N TYR A 96 12.15 15.95 7.43
CA TYR A 96 13.60 15.94 7.33
C TYR A 96 14.12 17.36 7.25
N GLU A 97 15.32 17.57 7.77
CA GLU A 97 16.03 18.83 7.50
C GLU A 97 17.03 18.61 6.38
N LEU A 98 17.18 19.63 5.55
CA LEU A 98 18.10 19.64 4.42
C LEU A 98 19.25 20.57 4.81
N LEU A 99 20.47 20.05 4.79
CA LEU A 99 21.65 20.78 5.24
C LEU A 99 22.37 21.40 4.05
N GLU A 100 23.06 22.52 4.32
CA GLU A 100 23.82 23.19 3.28
C GLU A 100 24.99 23.89 3.95
N ASN A 101 26.22 23.56 3.54
CA ASN A 101 27.42 24.21 4.05
C ASN A 101 27.54 24.12 5.57
N GLY A 102 26.98 23.08 6.17
CA GLY A 102 27.10 22.87 7.60
C GLY A 102 26.03 23.54 8.44
N GLN A 103 24.92 23.96 7.85
CA GLN A 103 23.80 24.50 8.59
C GLN A 103 22.51 23.99 7.97
N PRO A 104 21.47 23.78 8.77
CA PRO A 104 20.15 23.50 8.19
C PRO A 104 19.78 24.62 7.23
N ALA A 105 19.21 24.21 6.09
CA ALA A 105 18.74 25.17 5.10
C ALA A 105 17.30 24.96 4.71
N GLY A 106 16.70 23.82 5.05
CA GLY A 106 15.31 23.59 4.74
C GLY A 106 14.75 22.51 5.65
N VAL A 107 13.43 22.52 5.78
CA VAL A 107 12.72 21.53 6.58
C VAL A 107 11.42 21.20 5.85
N CYS A 108 11.13 19.91 5.65
CA CYS A 108 9.87 19.57 4.99
C CYS A 108 9.51 18.10 5.21
N VAL A 109 8.24 17.79 4.97
CA VAL A 109 7.73 16.41 4.99
C VAL A 109 8.13 15.77 3.67
N LEU A 110 8.85 14.66 3.75
CA LEU A 110 9.59 14.17 2.59
C LEU A 110 9.54 12.64 2.57
N GLU A 111 9.40 12.06 1.39
CA GLU A 111 9.51 10.60 1.25
C GLU A 111 9.66 10.22 -0.21
N TYR A 112 10.01 8.95 -0.43
CA TYR A 112 10.07 8.42 -1.78
C TYR A 112 8.71 7.91 -2.23
N ALA A 113 8.48 7.95 -3.55
CA ALA A 113 7.29 7.35 -4.12
C ALA A 113 7.40 5.82 -4.07
N THR A 114 6.52 5.20 -3.29
CA THR A 114 6.62 3.76 -3.06
C THR A 114 6.70 2.89 -4.32
N PRO A 115 5.92 3.14 -5.38
CA PRO A 115 6.00 2.23 -6.54
C PRO A 115 7.37 2.16 -7.17
N LEU A 116 8.23 3.16 -6.97
CA LEU A 116 9.56 3.03 -7.55
C LEU A 116 10.35 1.97 -6.83
N GLN A 117 10.08 1.79 -5.52
CA GLN A 117 10.67 0.69 -4.78
C GLN A 117 10.14 -0.65 -5.27
N THR A 118 8.84 -0.72 -5.55
CA THR A 118 8.25 -1.91 -6.16
C THR A 118 8.96 -2.29 -7.45
N LEU A 119 9.13 -1.32 -8.35
CA LEU A 119 9.79 -1.59 -9.62
C LEU A 119 11.21 -2.09 -9.40
N PHE A 120 11.92 -1.48 -8.44
CA PHE A 120 13.29 -1.91 -8.16
C PHE A 120 13.30 -3.35 -7.69
N ALA A 121 12.43 -3.68 -6.74
CA ALA A 121 12.36 -5.05 -6.24
C ALA A 121 12.02 -6.03 -7.35
N MET A 122 11.15 -5.63 -8.28
CA MET A 122 10.82 -6.49 -9.42
C MET A 122 12.04 -6.80 -10.25
N SER A 123 12.89 -5.81 -10.52
CA SER A 123 14.06 -6.04 -11.36
C SER A 123 15.13 -6.84 -10.65
N GLN A 124 15.11 -6.90 -9.32
CA GLN A 124 16.10 -7.61 -8.52
C GLN A 124 15.65 -8.98 -8.07
N ASP A 125 14.45 -9.42 -8.44
CA ASP A 125 13.92 -10.67 -7.90
C ASP A 125 14.41 -11.91 -8.65
N GLY A 126 15.18 -11.75 -9.73
CA GLY A 126 15.72 -12.86 -10.45
C GLY A 126 14.87 -13.38 -11.59
N ARG A 127 13.62 -12.94 -11.70
CA ARG A 127 12.77 -13.36 -12.81
C ARG A 127 13.29 -12.78 -14.11
N ALA A 128 13.18 -13.56 -15.18
CA ALA A 128 13.69 -13.15 -16.48
C ALA A 128 12.72 -12.21 -17.17
N GLY A 129 13.28 -11.27 -17.93
CA GLY A 129 12.49 -10.35 -18.73
C GLY A 129 12.20 -9.00 -18.12
N PHE A 130 12.80 -8.69 -16.97
CA PHE A 130 12.64 -7.37 -16.36
C PHE A 130 14.03 -6.89 -15.96
N SER A 131 14.71 -6.20 -16.89
CA SER A 131 16.05 -5.69 -16.66
C SER A 131 16.00 -4.28 -16.11
N ARG A 132 17.19 -3.73 -15.83
CA ARG A 132 17.26 -2.31 -15.50
C ARG A 132 16.68 -1.45 -16.59
N GLU A 133 16.81 -1.88 -17.85
CA GLU A 133 16.22 -1.12 -18.95
C GLU A 133 14.71 -1.07 -18.83
N ASP A 134 14.08 -2.23 -18.57
CA ASP A 134 12.64 -2.27 -18.36
C ASP A 134 12.24 -1.45 -17.14
N ARG A 135 13.00 -1.55 -16.06
CA ARG A 135 12.69 -0.79 -14.85
C ARG A 135 12.67 0.71 -15.14
N LEU A 136 13.66 1.19 -15.87
CA LEU A 136 13.73 2.62 -16.17
C LEU A 136 12.52 3.06 -17.01
N GLU A 137 12.11 2.22 -17.96
CA GLU A 137 10.99 2.59 -18.81
C GLU A 137 9.69 2.62 -18.01
N GLN A 138 9.48 1.63 -17.15
CA GLN A 138 8.30 1.63 -16.31
C GLN A 138 8.33 2.78 -15.30
N ALA A 139 9.52 3.15 -14.80
CA ALA A 139 9.57 4.26 -13.86
C ALA A 139 9.12 5.56 -14.52
N LYS A 140 9.60 5.84 -15.75
CA LYS A 140 9.16 7.06 -16.46
C LYS A 140 7.67 7.02 -16.71
N LEU A 141 7.15 5.87 -17.13
CA LEU A 141 5.73 5.76 -17.43
C LEU A 141 4.89 5.90 -16.18
N PHE A 142 5.35 5.32 -15.06
CA PHE A 142 4.66 5.53 -13.78
C PHE A 142 4.58 7.00 -13.43
N CYS A 143 5.72 7.69 -13.52
CA CYS A 143 5.73 9.12 -13.20
CA CYS A 143 5.73 9.11 -13.19
C CYS A 143 4.80 9.89 -14.13
N ARG A 144 4.93 9.67 -15.43
CA ARG A 144 4.09 10.35 -16.40
C ARG A 144 2.61 10.12 -16.13
N THR A 145 2.23 8.85 -15.86
CA THR A 145 0.82 8.56 -15.64
C THR A 145 0.31 9.24 -14.38
N LEU A 146 1.08 9.15 -13.29
CA LEU A 146 0.67 9.80 -12.04
C LEU A 146 0.50 11.30 -12.23
N GLU A 147 1.44 11.94 -12.95
CA GLU A 147 1.28 13.35 -13.24
C GLU A 147 0.04 13.63 -14.06
N ASP A 148 -0.27 12.75 -15.02
CA ASP A 148 -1.50 12.89 -15.79
C ASP A 148 -2.73 12.85 -14.89
N ILE A 149 -2.75 11.91 -13.95
CA ILE A 149 -3.89 11.79 -13.03
C ILE A 149 -4.02 13.05 -12.17
N LEU A 150 -2.90 13.50 -11.58
CA LEU A 150 -2.95 14.64 -10.68
C LEU A 150 -3.36 15.92 -11.38
N ALA A 151 -3.03 16.07 -12.67
CA ALA A 151 -3.48 17.26 -13.39
C ALA A 151 -5.00 17.36 -13.47
N ASP A 152 -5.73 16.27 -13.16
CA ASP A 152 -7.18 16.29 -13.02
C ASP A 152 -7.63 16.37 -11.57
N ALA A 153 -6.71 16.40 -10.61
CA ALA A 153 -7.03 16.43 -9.18
C ALA A 153 -6.50 17.72 -8.56
N PRO A 154 -7.29 18.79 -8.57
CA PRO A 154 -6.78 20.09 -8.06
C PRO A 154 -6.44 20.08 -6.57
N GLU A 155 -7.25 19.40 -5.76
CA GLU A 155 -7.04 19.39 -4.32
C GLU A 155 -5.76 18.66 -3.93
N ALA A 156 -5.51 17.50 -4.55
CA ALA A 156 -4.30 16.75 -4.25
C ALA A 156 -3.06 17.52 -4.67
N GLN A 157 -3.02 17.96 -5.94
CA GLN A 157 -1.84 18.62 -6.46
C GLN A 157 -1.47 19.88 -5.69
N ASN A 158 -2.42 20.47 -4.96
CA ASN A 158 -2.11 21.58 -4.08
C ASN A 158 -1.52 21.13 -2.75
N ASN A 159 -1.61 19.83 -2.42
CA ASN A 159 -1.15 19.33 -1.14
C ASN A 159 0.03 18.38 -1.23
N CYS A 160 0.53 18.10 -2.43
CA CYS A 160 1.81 17.42 -2.57
C CYS A 160 2.59 18.13 -3.65
N ARG A 161 3.88 17.85 -3.70
CA ARG A 161 4.78 18.36 -4.72
C ARG A 161 5.67 17.21 -5.17
N LEU A 162 5.73 16.98 -6.47
CA LEU A 162 6.51 15.89 -7.02
C LEU A 162 7.90 16.39 -7.39
N ILE A 163 8.93 15.71 -6.90
CA ILE A 163 10.32 16.08 -7.19
C ILE A 163 10.90 14.94 -8.02
N VAL A 164 11.02 15.17 -9.34
CA VAL A 164 11.40 14.15 -10.30
C VAL A 164 12.81 14.46 -10.79
N TYR A 165 13.69 13.47 -10.76
CA TYR A 165 15.07 13.81 -11.10
C TYR A 165 15.80 12.57 -11.59
N GLN A 166 16.81 12.80 -12.43
CA GLN A 166 17.82 11.80 -12.72
C GLN A 166 18.92 11.87 -11.68
N GLU A 167 19.71 10.81 -11.63
CA GLU A 167 20.93 10.81 -10.82
C GLU A 167 22.09 10.36 -11.71
N PRO A 168 23.23 11.05 -11.67
CA PRO A 168 24.41 10.53 -12.35
C PRO A 168 24.99 9.32 -11.64
N THR A 169 25.61 8.44 -12.44
CA THR A 169 26.19 7.20 -11.94
C THR A 169 27.70 7.13 -12.15
N GLU A 170 28.33 8.24 -12.57
CA GLU A 170 29.74 8.22 -12.91
C GLU A 170 30.50 9.40 -12.31
N GLY A 171 30.00 9.98 -11.23
CA GLY A 171 30.71 11.06 -10.56
C GLY A 171 30.35 12.46 -11.01
N GLY A 172 29.36 12.62 -11.88
CA GLY A 172 28.82 13.95 -12.11
C GLY A 172 28.16 14.47 -10.84
N SER A 173 28.34 15.76 -10.57
CA SER A 173 27.88 16.31 -9.30
C SER A 173 26.35 16.29 -9.26
N PHE A 174 25.83 15.75 -8.17
CA PHE A 174 24.40 15.82 -7.88
C PHE A 174 24.23 15.66 -6.39
N SER A 175 23.54 16.63 -5.78
CA SER A 175 23.19 16.58 -4.37
C SER A 175 21.67 16.50 -4.25
N LEU A 176 21.18 15.45 -3.60
CA LEU A 176 19.74 15.30 -3.47
C LEU A 176 19.16 16.43 -2.63
N SER A 177 19.84 16.78 -1.53
CA SER A 177 19.37 17.91 -0.73
C SER A 177 19.32 19.18 -1.57
N GLN A 178 20.33 19.41 -2.41
CA GLN A 178 20.33 20.61 -3.25
C GLN A 178 19.14 20.60 -4.20
N GLU A 179 18.77 19.43 -4.71
CA GLU A 179 17.64 19.33 -5.61
C GLU A 179 16.34 19.64 -4.89
N ILE A 180 16.21 19.17 -3.65
CA ILE A 180 15.00 19.42 -2.89
C ILE A 180 14.93 20.89 -2.49
N LEU A 181 16.05 21.44 -2.03
CA LEU A 181 16.08 22.86 -1.65
C LEU A 181 15.66 23.74 -2.81
N ARG A 182 16.13 23.46 -4.02
CA ARG A 182 15.71 24.27 -5.16
C ARG A 182 14.20 24.27 -5.31
N HIS A 183 13.56 23.11 -5.13
CA HIS A 183 12.10 23.04 -5.20
C HIS A 183 11.44 23.82 -4.07
N LEU A 184 11.95 23.67 -2.84
CA LEU A 184 11.36 24.40 -1.71
C LEU A 184 11.40 25.89 -1.95
N ARG A 185 12.54 26.40 -2.45
CA ARG A 185 12.65 27.83 -2.65
CA ARG A 185 12.71 27.82 -2.69
C ARG A 185 11.79 28.33 -3.80
N GLN A 186 11.43 27.48 -4.76
CA GLN A 186 10.50 27.84 -5.82
C GLN A 186 9.04 27.75 -5.40
N GLU A 187 8.74 26.98 -4.35
CA GLU A 187 7.37 26.93 -3.85
C GLU A 187 6.98 28.23 -3.15
N GLU A 188 7.95 28.91 -2.53
CA GLU A 188 7.69 30.14 -1.77
C GLU A 188 7.30 31.30 -2.70
N ARG A 189 7.14 31.02 -3.99
CA ARG A 189 6.63 32.00 -4.93
C ARG A 189 5.15 31.74 -5.23
N ALA B 2 -7.30 7.80 -21.43
CA ALA B 2 -6.30 7.21 -20.55
C ALA B 2 -6.27 5.69 -20.70
N ASN B 3 -5.16 5.10 -20.27
CA ASN B 3 -4.98 3.65 -20.31
C ASN B 3 -5.40 3.06 -18.97
N PHE B 4 -6.46 2.25 -18.98
CA PHE B 4 -7.01 1.64 -17.78
C PHE B 4 -6.66 0.16 -17.67
N ASN B 5 -5.64 -0.29 -18.40
CA ASN B 5 -5.09 -1.63 -18.22
C ASN B 5 -4.21 -1.58 -16.99
N VAL B 6 -4.83 -1.81 -15.82
CA VAL B 6 -4.15 -1.65 -14.54
C VAL B 6 -3.97 -2.97 -13.81
N ALA B 7 -4.63 -4.05 -14.24
CA ALA B 7 -4.66 -5.27 -13.45
C ALA B 7 -3.27 -5.83 -13.22
N HIS B 8 -2.39 -5.78 -14.23
CA HIS B 8 -1.06 -6.36 -14.05
C HIS B 8 -0.26 -5.56 -13.04
N GLY B 9 -0.41 -4.24 -13.05
CA GLY B 9 0.27 -3.43 -12.04
C GLY B 9 -0.25 -3.71 -10.64
N LEU B 10 -1.57 -3.90 -10.52
CA LEU B 10 -2.14 -4.19 -9.21
C LEU B 10 -1.63 -5.52 -8.68
N ALA B 11 -1.54 -6.53 -9.54
CA ALA B 11 -1.10 -7.84 -9.07
C ALA B 11 0.35 -7.80 -8.61
N TRP B 12 1.24 -7.18 -9.41
CA TRP B 12 2.64 -7.18 -9.01
C TRP B 12 2.89 -6.27 -7.82
N SER B 13 2.19 -5.13 -7.74
CA SER B 13 2.24 -4.29 -6.55
C SER B 13 1.86 -5.09 -5.31
N TYR B 14 0.74 -5.82 -5.40
CA TYR B 14 0.21 -6.55 -4.24
C TYR B 14 1.15 -7.68 -3.83
N TYR B 15 1.72 -8.39 -4.81
CA TYR B 15 2.67 -9.46 -4.48
C TYR B 15 3.99 -8.88 -3.99
N ILE B 16 4.68 -8.09 -4.83
CA ILE B 16 6.02 -7.62 -4.49
C ILE B 16 6.00 -6.74 -3.26
N GLY B 17 5.02 -5.86 -3.15
CA GLY B 17 4.95 -4.93 -2.05
C GLY B 17 4.30 -5.44 -0.80
N TYR B 18 3.76 -6.66 -0.80
CA TYR B 18 3.03 -7.07 0.39
C TYR B 18 3.10 -8.57 0.63
N LEU B 19 2.52 -9.37 -0.27
CA LEU B 19 2.46 -10.82 0.01
C LEU B 19 3.86 -11.40 0.13
N ARG B 20 4.76 -11.00 -0.77
CA ARG B 20 6.14 -11.45 -0.69
C ARG B 20 6.79 -11.03 0.62
N LEU B 21 6.35 -9.92 1.20
CA LEU B 21 6.97 -9.40 2.42
C LEU B 21 6.42 -10.06 3.67
N ILE B 22 5.11 -10.35 3.70
CA ILE B 22 4.48 -10.78 4.95
C ILE B 22 4.22 -12.28 4.99
N LEU B 23 4.01 -12.94 3.85
CA LEU B 23 3.68 -14.36 3.91
C LEU B 23 4.80 -15.22 4.51
N PRO B 24 6.10 -14.96 4.27
CA PRO B 24 7.12 -15.81 4.90
C PRO B 24 7.04 -15.87 6.42
N GLY B 25 6.80 -14.75 7.08
CA GLY B 25 6.76 -14.69 8.53
C GLY B 25 5.39 -14.82 9.14
N LEU B 26 4.36 -15.05 8.34
CA LEU B 26 3.01 -15.05 8.90
C LEU B 26 2.79 -16.25 9.82
N ARG B 27 3.22 -17.45 9.42
CA ARG B 27 3.01 -18.62 10.26
C ARG B 27 3.62 -18.44 11.65
N ALA B 28 4.82 -17.85 11.72
CA ALA B 28 5.50 -17.66 13.00
C ALA B 28 4.77 -16.65 13.87
N ARG B 29 4.21 -15.60 13.25
CA ARG B 29 3.44 -14.63 14.02
C ARG B 29 2.17 -15.24 14.57
N ILE B 30 1.54 -16.14 13.81
CA ILE B 30 0.35 -16.80 14.34
C ILE B 30 0.73 -17.75 15.47
N GLN B 31 1.84 -18.46 15.32
CA GLN B 31 2.27 -19.35 16.40
C GLN B 31 2.70 -18.57 17.62
N ALA B 32 3.38 -17.43 17.42
CA ALA B 32 3.73 -16.56 18.54
C ALA B 32 2.47 -16.13 19.29
N TYR B 33 1.43 -15.74 18.55
CA TYR B 33 0.16 -15.35 19.16
C TYR B 33 -0.43 -16.50 19.95
N ASN B 34 -0.44 -17.71 19.36
CA ASN B 34 -0.95 -18.90 20.05
C ASN B 34 -0.20 -19.18 21.35
N GLN B 35 1.10 -18.91 21.39
CA GLN B 35 1.86 -19.19 22.60
C GLN B 35 1.62 -18.12 23.67
N ARG B 36 1.60 -16.84 23.26
CA ARG B 36 1.35 -15.76 24.20
C ARG B 36 0.02 -15.92 24.92
N HIS B 37 -0.97 -16.44 24.21
CA HIS B 37 -2.35 -16.44 24.70
C HIS B 37 -2.86 -17.85 24.94
N LYS B 38 -1.95 -18.80 25.20
CA LYS B 38 -2.32 -20.21 25.23
C LYS B 38 -3.31 -20.51 26.35
N ASN B 39 -2.98 -20.11 27.57
CA ASN B 39 -3.87 -20.44 28.67
C ASN B 39 -5.12 -19.58 28.72
N VAL B 40 -5.30 -18.62 27.80
CA VAL B 40 -6.39 -17.66 27.92
C VAL B 40 -7.26 -17.61 26.66
N LEU B 41 -6.68 -17.13 25.56
CA LEU B 41 -7.47 -16.66 24.42
C LEU B 41 -7.84 -17.78 23.45
N GLY B 42 -7.21 -18.93 23.54
CA GLY B 42 -7.47 -19.98 22.58
C GLY B 42 -6.66 -19.79 21.31
N GLY B 43 -6.55 -20.88 20.55
CA GLY B 43 -5.56 -20.94 19.51
C GLY B 43 -6.14 -20.95 18.12
N ILE B 44 -5.32 -20.55 17.15
CA ILE B 44 -5.70 -20.52 15.76
C ILE B 44 -4.93 -21.64 15.09
N GLY B 45 -5.66 -22.68 14.67
CA GLY B 45 -5.01 -23.81 14.01
C GLY B 45 -4.68 -23.55 12.56
N ASN B 46 -5.48 -22.74 11.87
CA ASN B 46 -5.27 -22.45 10.46
C ASN B 46 -4.30 -21.27 10.34
N HIS B 47 -3.10 -21.53 9.80
CA HIS B 47 -2.03 -20.52 9.79
C HIS B 47 -1.90 -19.79 8.46
N ARG B 48 -2.91 -19.84 7.60
CA ARG B 48 -2.85 -19.20 6.30
C ARG B 48 -3.54 -17.83 6.33
N LEU B 49 -3.12 -16.95 5.43
CA LEU B 49 -3.81 -15.68 5.23
C LEU B 49 -4.96 -15.89 4.26
N HIS B 50 -6.18 -15.54 4.68
CA HIS B 50 -7.34 -15.66 3.81
C HIS B 50 -7.66 -14.28 3.26
N ILE B 51 -7.61 -14.16 1.94
CA ILE B 51 -7.76 -12.89 1.25
C ILE B 51 -9.09 -12.88 0.52
N LEU B 52 -10.00 -12.03 0.97
CA LEU B 52 -11.31 -11.93 0.37
C LEU B 52 -11.19 -11.11 -0.91
N PHE B 53 -11.83 -11.59 -1.97
CA PHE B 53 -11.69 -11.03 -3.32
C PHE B 53 -13.07 -10.89 -3.95
N PRO B 54 -13.84 -9.89 -3.52
CA PRO B 54 -15.13 -9.61 -4.16
C PRO B 54 -14.95 -9.08 -5.58
N LEU B 55 -15.36 -9.85 -6.59
CA LEU B 55 -15.21 -9.43 -7.97
C LEU B 55 -15.96 -8.13 -8.27
N ASP B 56 -16.98 -7.78 -7.49
CA ASP B 56 -17.62 -6.47 -7.70
C ASP B 56 -16.82 -5.33 -7.10
N CYS B 57 -15.68 -5.63 -6.48
CA CYS B 57 -14.74 -4.63 -5.95
C CYS B 57 -15.33 -3.81 -4.83
N GLY B 58 -16.43 -4.25 -4.23
CA GLY B 58 -16.94 -3.58 -3.05
C GLY B 58 -16.24 -4.06 -1.80
N VAL B 59 -15.24 -3.31 -1.34
CA VAL B 59 -14.39 -3.69 -0.22
C VAL B 59 -14.71 -2.75 0.95
N PRO B 60 -15.36 -3.23 2.00
CA PRO B 60 -15.68 -2.36 3.13
C PRO B 60 -14.47 -2.11 4.03
N ASP B 61 -14.51 -0.96 4.71
CA ASP B 61 -13.48 -0.61 5.69
C ASP B 61 -14.02 -0.64 7.12
N ASP B 62 -15.19 -1.25 7.33
CA ASP B 62 -15.87 -1.19 8.62
C ASP B 62 -15.56 -2.38 9.52
N LEU B 63 -14.51 -3.15 9.20
CA LEU B 63 -14.13 -4.33 10.00
C LEU B 63 -15.30 -5.30 10.10
N SER B 64 -16.14 -5.28 9.06
CA SER B 64 -17.30 -6.16 8.92
C SER B 64 -18.29 -6.01 10.07
N VAL B 65 -18.34 -4.83 10.70
CA VAL B 65 -19.34 -4.62 11.75
C VAL B 65 -20.74 -4.81 11.19
N ALA B 66 -20.96 -4.46 9.92
CA ALA B 66 -22.30 -4.55 9.36
C ALA B 66 -22.76 -6.00 9.17
N ASP B 67 -21.82 -6.94 9.11
CA ASP B 67 -22.15 -8.36 8.97
C ASP B 67 -21.97 -9.03 10.31
N PRO B 68 -23.06 -9.29 11.06
CA PRO B 68 -22.93 -9.83 12.42
C PRO B 68 -22.36 -11.23 12.49
N ASN B 69 -22.18 -11.93 11.38
CA ASN B 69 -21.59 -13.26 11.43
C ASN B 69 -20.09 -13.24 11.20
N ILE B 70 -19.50 -12.05 11.09
CA ILE B 70 -18.06 -11.86 10.96
C ILE B 70 -17.68 -10.77 11.94
N ARG B 71 -16.78 -11.08 12.88
CA ARG B 71 -16.45 -10.15 13.95
C ARG B 71 -14.95 -10.08 14.19
N PHE B 72 -14.43 -8.86 14.27
CA PHE B 72 -13.03 -8.68 14.57
C PHE B 72 -12.72 -9.29 15.94
N LEU B 73 -11.67 -10.11 16.01
CA LEU B 73 -11.32 -10.79 17.26
C LEU B 73 -10.10 -10.18 17.92
N HIS B 74 -9.03 -9.96 17.16
CA HIS B 74 -7.77 -9.51 17.75
C HIS B 74 -6.83 -9.13 16.62
N GLU B 75 -6.02 -8.11 16.85
CA GLU B 75 -4.96 -7.79 15.90
C GLU B 75 -3.89 -8.88 15.92
N LEU B 76 -3.34 -9.19 14.75
CA LEU B 76 -2.14 -10.01 14.67
C LEU B 76 -0.96 -9.05 14.61
N PRO B 77 -0.21 -8.87 15.69
CA PRO B 77 0.74 -7.75 15.76
C PRO B 77 1.95 -7.96 14.85
N GLN B 78 2.59 -6.82 14.57
CA GLN B 78 3.99 -6.64 14.19
C GLN B 78 4.11 -5.33 13.42
N GLY B 88 9.15 3.82 10.66
CA GLY B 88 9.09 2.97 9.49
C GLY B 88 7.72 2.32 9.25
N ARG B 89 7.60 1.54 8.21
CA ARG B 89 6.32 0.93 7.92
C ARG B 89 5.95 -0.22 8.83
N VAL B 90 4.68 -0.26 9.15
CA VAL B 90 4.12 -1.26 10.02
C VAL B 90 3.12 -2.12 9.26
N TYR B 91 3.30 -3.42 9.37
CA TYR B 91 2.40 -4.35 8.75
C TYR B 91 1.74 -5.22 9.80
N THR B 92 0.44 -5.09 9.94
CA THR B 92 -0.31 -5.91 10.89
C THR B 92 -1.42 -6.63 10.14
N ASN B 93 -1.96 -7.69 10.76
CA ASN B 93 -3.07 -8.44 10.19
C ASN B 93 -4.16 -8.57 11.24
N SER B 94 -5.24 -9.24 10.87
CA SER B 94 -6.45 -9.28 11.69
C SER B 94 -6.94 -10.71 11.83
N ILE B 95 -7.29 -11.07 13.05
CA ILE B 95 -7.95 -12.34 13.34
C ILE B 95 -9.43 -12.07 13.49
N TYR B 96 -10.27 -12.85 12.81
CA TYR B 96 -11.70 -12.68 12.81
C TYR B 96 -12.38 -13.94 13.30
N GLU B 97 -13.51 -13.75 13.98
CA GLU B 97 -14.39 -14.85 14.36
C GLU B 97 -15.53 -14.93 13.36
N LEU B 98 -15.87 -16.16 12.96
CA LEU B 98 -17.02 -16.40 12.11
C LEU B 98 -18.08 -17.11 12.94
N LEU B 99 -19.34 -16.71 12.76
CA LEU B 99 -20.45 -17.29 13.48
C LEU B 99 -21.43 -17.89 12.48
N GLU B 100 -22.16 -18.90 12.94
CA GLU B 100 -23.08 -19.67 12.11
C GLU B 100 -24.17 -20.18 13.03
N ASN B 101 -25.43 -19.86 12.72
CA ASN B 101 -26.57 -20.12 13.60
C ASN B 101 -26.44 -19.36 14.92
N GLY B 102 -25.80 -18.18 14.88
CA GLY B 102 -25.55 -17.40 16.07
C GLY B 102 -24.43 -17.91 16.95
N GLN B 103 -23.94 -19.12 16.72
CA GLN B 103 -22.88 -19.71 17.50
C GLN B 103 -21.54 -19.56 16.79
N PRO B 104 -20.45 -19.47 17.56
CA PRO B 104 -19.13 -19.42 16.93
C PRO B 104 -18.91 -20.64 16.05
N ALA B 105 -18.25 -20.42 14.93
CA ALA B 105 -18.02 -21.50 13.97
C ALA B 105 -16.61 -21.53 13.42
N GLY B 106 -15.88 -20.42 13.39
CA GLY B 106 -14.54 -20.44 12.87
C GLY B 106 -13.73 -19.25 13.36
N VAL B 107 -12.41 -19.39 13.28
CA VAL B 107 -11.47 -18.31 13.54
C VAL B 107 -10.34 -18.42 12.53
N CYS B 108 -9.93 -17.29 11.96
CA CYS B 108 -8.83 -17.32 10.99
C CYS B 108 -8.30 -15.91 10.80
N VAL B 109 -7.14 -15.84 10.16
CA VAL B 109 -6.58 -14.55 9.75
C VAL B 109 -7.16 -14.19 8.40
N LEU B 110 -7.75 -13.02 8.29
CA LEU B 110 -8.67 -12.68 7.21
C LEU B 110 -8.56 -11.20 6.87
N GLU B 111 -8.62 -10.88 5.57
CA GLU B 111 -8.62 -9.49 5.15
C GLU B 111 -9.06 -9.42 3.69
N TYR B 112 -9.29 -8.21 3.20
CA TYR B 112 -9.68 -7.99 1.80
C TYR B 112 -8.46 -7.64 0.96
N ALA B 113 -8.57 -7.93 -0.33
CA ALA B 113 -7.57 -7.49 -1.28
C ALA B 113 -7.72 -5.98 -1.54
N THR B 114 -6.99 -5.18 -0.76
CA THR B 114 -7.15 -3.72 -0.82
C THR B 114 -7.13 -3.15 -2.25
N PRO B 115 -6.29 -3.62 -3.18
CA PRO B 115 -6.26 -2.97 -4.50
C PRO B 115 -7.57 -3.06 -5.28
N LEU B 116 -8.49 -3.95 -4.89
CA LEU B 116 -9.80 -3.88 -5.51
C LEU B 116 -10.43 -2.52 -5.31
N GLN B 117 -10.07 -1.83 -4.22
CA GLN B 117 -10.65 -0.50 -4.00
C GLN B 117 -10.15 0.49 -5.04
N THR B 118 -8.97 0.26 -5.61
CA THR B 118 -8.54 1.10 -6.72
C THR B 118 -9.43 0.89 -7.94
N LEU B 119 -9.75 -0.38 -8.25
CA LEU B 119 -10.68 -0.66 -9.36
C LEU B 119 -12.04 -0.04 -9.11
N PHE B 120 -12.53 -0.11 -7.86
CA PHE B 120 -13.83 0.49 -7.56
C PHE B 120 -13.81 1.99 -7.81
N ALA B 121 -12.81 2.68 -7.24
CA ALA B 121 -12.74 4.13 -7.41
C ALA B 121 -12.67 4.52 -8.87
N MET B 122 -11.92 3.75 -9.69
CA MET B 122 -11.81 4.09 -11.11
C MET B 122 -13.16 3.99 -11.81
N SER B 123 -13.98 3.01 -11.44
CA SER B 123 -15.30 2.86 -12.06
C SER B 123 -16.32 3.85 -11.54
N GLN B 124 -16.10 4.38 -10.34
CA GLN B 124 -17.00 5.36 -9.75
C GLN B 124 -16.59 6.77 -10.09
N ASP B 125 -15.28 7.03 -10.20
CA ASP B 125 -14.75 8.38 -10.31
C ASP B 125 -15.27 9.11 -11.54
N GLY B 126 -16.18 8.48 -12.29
CA GLY B 126 -16.85 9.15 -13.37
C GLY B 126 -15.97 9.58 -14.53
N ARG B 127 -14.75 9.05 -14.62
CA ARG B 127 -14.02 9.11 -15.88
C ARG B 127 -14.68 8.17 -16.89
N ALA B 128 -14.57 8.53 -18.17
CA ALA B 128 -15.16 7.72 -19.22
C ALA B 128 -14.16 6.67 -19.72
N GLY B 129 -14.70 5.64 -20.37
CA GLY B 129 -13.88 4.54 -20.82
C GLY B 129 -13.55 3.54 -19.73
N PHE B 130 -14.26 3.56 -18.60
CA PHE B 130 -14.06 2.56 -17.54
C PHE B 130 -15.39 2.33 -16.84
N SER B 131 -16.21 1.48 -17.46
CA SER B 131 -17.52 1.11 -16.95
C SER B 131 -17.41 0.00 -15.90
N ARG B 132 -18.58 -0.41 -15.39
CA ARG B 132 -18.64 -1.50 -14.43
C ARG B 132 -18.22 -2.82 -15.07
N GLU B 133 -18.51 -3.00 -16.36
CA GLU B 133 -18.04 -4.20 -17.05
C GLU B 133 -16.53 -4.16 -17.25
N ASP B 134 -15.98 -3.00 -17.59
CA ASP B 134 -14.52 -2.86 -17.63
C ASP B 134 -13.91 -3.20 -16.28
N ARG B 135 -14.55 -2.75 -15.20
CA ARG B 135 -14.05 -3.05 -13.85
C ARG B 135 -14.02 -4.54 -13.58
N LEU B 136 -15.13 -5.24 -13.90
CA LEU B 136 -15.20 -6.67 -13.66
C LEU B 136 -14.12 -7.41 -14.45
N GLU B 137 -13.86 -7.00 -15.69
CA GLU B 137 -12.82 -7.65 -16.48
C GLU B 137 -11.44 -7.41 -15.87
N GLN B 138 -11.19 -6.20 -15.37
CA GLN B 138 -9.93 -5.94 -14.69
C GLN B 138 -9.83 -6.72 -13.37
N ALA B 139 -10.94 -6.84 -12.63
CA ALA B 139 -10.90 -7.59 -11.39
C ALA B 139 -10.53 -9.05 -11.66
N LYS B 140 -11.12 -9.63 -12.71
CA LYS B 140 -10.82 -11.03 -13.03
C LYS B 140 -9.37 -11.18 -13.47
N LEU B 141 -8.88 -10.25 -14.28
CA LEU B 141 -7.50 -10.32 -14.73
C LEU B 141 -6.53 -10.10 -13.57
N PHE B 142 -6.86 -9.18 -12.67
CA PHE B 142 -6.11 -9.05 -11.41
C PHE B 142 -6.06 -10.38 -10.67
N CYS B 143 -7.22 -11.02 -10.51
CA CYS B 143 -7.25 -12.31 -9.84
CA CYS B 143 -7.30 -12.34 -9.88
C CYS B 143 -6.34 -13.32 -10.54
N ARG B 144 -6.51 -13.48 -11.85
CA ARG B 144 -5.79 -14.50 -12.59
C ARG B 144 -4.29 -14.26 -12.57
N THR B 145 -3.88 -13.00 -12.73
CA THR B 145 -2.45 -12.69 -12.71
C THR B 145 -1.85 -13.01 -11.35
N LEU B 146 -2.55 -12.62 -10.28
CA LEU B 146 -2.08 -12.89 -8.92
C LEU B 146 -1.95 -14.38 -8.67
N GLU B 147 -2.96 -15.16 -9.09
CA GLU B 147 -2.89 -16.60 -8.91
C GLU B 147 -1.77 -17.20 -9.75
N ASP B 148 -1.51 -16.64 -10.93
CA ASP B 148 -0.37 -17.09 -11.72
C ASP B 148 0.95 -16.79 -11.01
N ILE B 149 1.05 -15.61 -10.39
CA ILE B 149 2.24 -15.25 -9.65
C ILE B 149 2.42 -16.18 -8.45
N LEU B 150 1.32 -16.43 -7.72
CA LEU B 150 1.41 -17.25 -6.53
C LEU B 150 1.67 -18.71 -6.87
N ALA B 151 1.27 -19.15 -8.06
CA ALA B 151 1.48 -20.54 -8.47
C ALA B 151 2.96 -20.87 -8.68
N ASP B 152 3.80 -19.86 -8.89
CA ASP B 152 5.23 -20.07 -9.07
C ASP B 152 6.04 -19.63 -7.85
N ALA B 153 5.37 -19.33 -6.74
CA ALA B 153 6.02 -19.03 -5.46
C ALA B 153 5.45 -19.98 -4.43
N PRO B 154 5.86 -21.26 -4.46
CA PRO B 154 5.17 -22.28 -3.64
C PRO B 154 5.19 -22.02 -2.14
N GLU B 155 6.13 -21.21 -1.64
CA GLU B 155 6.08 -20.83 -0.23
C GLU B 155 4.97 -19.83 0.04
N ALA B 156 4.68 -18.95 -0.92
CA ALA B 156 3.54 -18.05 -0.77
C ALA B 156 2.23 -18.81 -0.93
N GLN B 157 2.16 -19.70 -1.92
CA GLN B 157 0.94 -20.46 -2.15
C GLN B 157 0.61 -21.35 -0.95
N ASN B 158 1.63 -21.80 -0.22
CA ASN B 158 1.44 -22.62 0.98
C ASN B 158 0.78 -21.84 2.12
N ASN B 159 0.81 -20.52 2.06
CA ASN B 159 0.56 -19.67 3.22
C ASN B 159 -0.58 -18.70 3.00
N CYS B 160 -1.27 -18.78 1.87
CA CYS B 160 -2.43 -17.91 1.69
C CYS B 160 -3.43 -18.60 0.77
N ARG B 161 -4.68 -18.16 0.89
CA ARG B 161 -5.76 -18.66 0.05
C ARG B 161 -6.64 -17.49 -0.35
N LEU B 162 -6.96 -17.41 -1.64
CA LEU B 162 -7.87 -16.39 -2.15
C LEU B 162 -9.30 -16.92 -2.06
N ILE B 163 -10.22 -16.09 -1.57
CA ILE B 163 -11.64 -16.42 -1.50
C ILE B 163 -12.35 -15.49 -2.48
N VAL B 164 -12.69 -16.00 -3.66
CA VAL B 164 -13.20 -15.18 -4.76
C VAL B 164 -14.70 -15.40 -4.89
N TYR B 165 -15.46 -14.32 -5.04
CA TYR B 165 -16.91 -14.46 -5.14
C TYR B 165 -17.52 -13.28 -5.89
N GLN B 166 -18.69 -13.53 -6.47
CA GLN B 166 -19.37 -12.59 -7.36
C GLN B 166 -20.33 -11.66 -6.65
N GLU B 167 -20.84 -12.06 -5.48
CA GLU B 167 -21.93 -11.37 -4.82
C GLU B 167 -21.44 -10.16 -4.01
N PRO B 168 -22.35 -9.24 -3.68
CA PRO B 168 -22.02 -8.22 -2.69
C PRO B 168 -21.51 -8.85 -1.40
N THR B 169 -20.41 -8.28 -0.90
CA THR B 169 -19.77 -8.81 0.30
C THR B 169 -20.66 -8.67 1.53
N GLU B 170 -21.58 -7.71 1.51
CA GLU B 170 -22.48 -7.46 2.63
C GLU B 170 -23.81 -6.98 2.06
N GLY B 171 -24.91 -7.48 2.63
CA GLY B 171 -26.22 -7.25 2.08
C GLY B 171 -26.71 -8.41 1.24
N GLY B 172 -28.03 -8.52 1.12
CA GLY B 172 -28.62 -9.62 0.36
C GLY B 172 -28.45 -10.96 1.07
N SER B 173 -28.86 -12.02 0.37
CA SER B 173 -28.89 -13.36 0.94
C SER B 173 -27.56 -14.10 0.89
N PHE B 174 -26.54 -13.55 0.22
CA PHE B 174 -25.24 -14.21 0.20
C PHE B 174 -24.60 -14.12 1.59
N SER B 175 -24.15 -15.26 2.12
CA SER B 175 -23.50 -15.27 3.43
C SER B 175 -22.00 -15.37 3.25
N LEU B 176 -21.29 -14.27 3.49
CA LEU B 176 -19.83 -14.30 3.40
C LEU B 176 -19.24 -15.22 4.47
N SER B 177 -19.80 -15.19 5.68
CA SER B 177 -19.29 -16.09 6.72
C SER B 177 -19.36 -17.55 6.28
N GLN B 178 -20.47 -17.97 5.67
CA GLN B 178 -20.56 -19.36 5.21
C GLN B 178 -19.55 -19.64 4.11
N GLU B 179 -19.32 -18.68 3.22
CA GLU B 179 -18.32 -18.83 2.18
C GLU B 179 -16.92 -19.03 2.77
N ILE B 180 -16.57 -18.24 3.77
CA ILE B 180 -15.27 -18.38 4.42
C ILE B 180 -15.19 -19.71 5.14
N LEU B 181 -16.23 -20.05 5.89
CA LEU B 181 -16.28 -21.32 6.61
C LEU B 181 -16.07 -22.51 5.66
N ARG B 182 -16.69 -22.47 4.48
CA ARG B 182 -16.50 -23.56 3.53
C ARG B 182 -15.05 -23.71 3.15
N HIS B 183 -14.35 -22.59 2.95
CA HIS B 183 -12.94 -22.63 2.62
C HIS B 183 -12.12 -23.19 3.77
N LEU B 184 -12.41 -22.76 5.00
CA LEU B 184 -11.66 -23.29 6.14
C LEU B 184 -11.78 -24.81 6.21
N ARG B 185 -12.97 -25.33 5.93
CA ARG B 185 -13.15 -26.78 6.04
C ARG B 185 -12.42 -27.50 4.92
N GLN B 186 -12.39 -26.90 3.72
CA GLN B 186 -11.59 -27.44 2.62
C GLN B 186 -10.12 -27.48 2.98
N GLU B 187 -9.59 -26.40 3.56
CA GLU B 187 -8.19 -26.40 3.98
C GLU B 187 -7.95 -27.39 5.11
N GLU B 188 -8.95 -27.62 5.97
CA GLU B 188 -8.83 -28.63 7.02
C GLU B 188 -8.64 -30.02 6.42
N ARG B 189 -9.35 -30.32 5.33
CA ARG B 189 -9.21 -31.61 4.68
C ARG B 189 -7.80 -31.81 4.13
N GLU B 190 -7.15 -30.73 3.70
CA GLU B 190 -5.82 -30.81 3.12
C GLU B 190 -4.75 -31.14 4.16
N VAL B 191 -5.01 -30.92 5.44
CA VAL B 191 -4.06 -31.23 6.50
C VAL B 191 -4.52 -32.43 7.32
S SO4 C . 11.41 21.21 -12.15
O1 SO4 C . 12.43 20.17 -12.19
O2 SO4 C . 10.10 20.59 -12.28
O3 SO4 C . 11.63 22.18 -13.21
O4 SO4 C . 11.49 21.92 -10.87
S SO4 D . 20.70 1.19 -10.17
O1 SO4 D . 20.46 1.58 -8.78
O2 SO4 D . 20.48 -0.24 -10.37
O3 SO4 D . 19.72 1.91 -11.00
O4 SO4 D . 22.06 1.52 -10.56
S SO4 E . -1.02 -2.59 -22.32
O1 SO4 E . -0.28 -3.82 -22.10
O2 SO4 E . -2.46 -2.84 -22.18
O3 SO4 E . -0.77 -2.10 -23.67
O4 SO4 E . -0.60 -1.58 -21.36
S SO4 F . -21.69 -1.48 -8.60
O1 SO4 F . -21.50 -2.74 -7.91
O2 SO4 F . -22.67 -1.65 -9.67
O3 SO4 F . -22.17 -0.47 -7.66
O4 SO4 F . -20.43 -1.02 -9.18
C2 1SY G . -2.43 -4.08 4.56
N01 1SY G . 0.20 -2.34 6.23
C6 1SY G . -0.50 -2.91 5.10
N1 1SY G . -1.63 -3.48 5.48
N3 1SY G . -2.06 -4.10 3.25
C4 1SY G . -0.91 -3.53 2.89
C5 1SY G . -0.12 -2.93 3.78
N7 1SY G . 0.96 -2.46 3.13
C8 1SY G . 0.82 -2.75 1.83
N9 1SY G . -0.33 -3.41 1.68
C1' 1SY G . -0.83 -3.91 0.44
C2' 1SY G . -1.90 -3.03 -0.12
O2' 1SY G . -2.80 -3.82 -0.88
C3' 1SY G . -1.12 -2.14 -1.02
C4' 1SY G . -0.26 -3.11 -1.68
C16 1SY G . 1.02 -2.43 -2.25
O17 1SY G . 1.63 -1.82 -1.12
P18 1SY G . 3.06 -0.89 -1.27
O19 1SY G . 3.69 -0.61 0.08
O20 1SY G . 2.74 0.45 -2.19
C21 1SY G . 1.42 1.06 -1.95
C22 1SY G . 0.80 1.20 -3.26
O23 1SY G . 1.80 1.56 -4.21
C24 1SY G . -0.21 2.31 -3.11
C25 1SY G . -1.52 1.81 -2.76
O26 1SY G . -1.41 1.00 -1.56
P27 1SY G . -2.69 -0.06 -1.42
O28 1SY G . -1.99 -1.49 -1.98
O29 1SY G . -2.92 -0.16 0.08
O30 1SY G . -3.92 0.34 -2.18
O31 1SY G . 0.33 3.17 -2.02
C32 1SY G . 1.48 2.44 -1.50
N33 1SY G . 1.39 2.52 -0.04
C34 1SY G . 0.46 1.81 0.63
N35 1SY G . 0.58 2.05 1.95
C36 1SY G . 2.06 3.20 0.84
C37 1SY G . 1.58 2.92 2.09
C38 1SY G . 2.22 3.59 3.30
N39 1SY G . 3.30 4.48 3.07
C40 1SY G . 3.78 4.77 1.76
N41 1SY G . 4.87 5.71 1.57
N42 1SY G . 3.18 4.14 0.59
O43 1SY G . 1.87 3.37 4.42
O44 1SY G . 3.99 -1.69 -2.14
O4' 1SY G . 0.19 -3.97 -0.59
#